data_2IWS
#
_entry.id   2IWS
#
_cell.length_a   73.841
_cell.length_b   73.841
_cell.length_c   109.135
_cell.angle_alpha   90.00
_cell.angle_beta   90.00
_cell.angle_gamma   90.00
#
_symmetry.space_group_name_H-M   'P 43 2 2'
#
loop_
_entity.id
_entity.type
_entity.pdbx_description
1 polymer 'ATP-DEPENDENT MOLECULAR CHAPERONE HSP82'
2 non-polymer (5Z)-12-CHLORO-13,15-DIHYDROXY-4,7,8,9-TETRAHYDRO-2-BENZOXACYCLOTRIDECINE-1,10(3H,11H)-DIONE
3 water water
#
_entity_poly.entity_id   1
_entity_poly.type   'polypeptide(L)'
_entity_poly.pdbx_seq_one_letter_code
;MASETFEFQAEITQLMSLIINTVYSNKEIFLRELISNASDALDKIRYKSLSDPKQLETEPDLFIRITPKPEQKVLEIRDS
GIGMTKAELINNLGTIAKSGTKAFMEALSAGADVSMIGQFGVGFYSLFLVADRVQVISKSNDDEQYIWESNAGGSFTVTL
DEVNERIGRGTILRLFLKDDQLEYLEEKRIKEVIKRHSEFVAYPIQLVVTKEVE
;
_entity_poly.pdbx_strand_id   A
#
# COMPACT_ATOMS: atom_id res chain seq x y z
N MET A 1 21.87 -1.82 -5.27
CA MET A 1 22.37 -0.84 -4.30
C MET A 1 22.74 -1.46 -2.98
N ALA A 2 23.08 -0.61 -2.01
CA ALA A 2 23.41 -1.04 -0.66
C ALA A 2 22.15 -1.10 0.18
N SER A 3 21.52 -2.27 0.22
CA SER A 3 20.30 -2.48 0.99
C SER A 3 20.58 -2.35 2.49
N GLU A 4 19.72 -1.62 3.18
CA GLU A 4 19.82 -1.52 4.63
C GLU A 4 18.74 -2.38 5.28
N THR A 5 19.12 -3.10 6.32
CA THR A 5 18.18 -3.94 7.04
C THR A 5 17.80 -3.30 8.36
N PHE A 6 16.50 -3.36 8.67
CA PHE A 6 15.96 -2.76 9.89
C PHE A 6 15.11 -3.77 10.62
N GLU A 7 14.81 -3.49 11.89
CA GLU A 7 14.02 -4.37 12.70
C GLU A 7 12.61 -3.81 12.85
N PHE A 8 11.61 -4.69 12.79
CA PHE A 8 10.23 -4.27 13.00
C PHE A 8 9.92 -4.04 14.46
N GLN A 9 8.99 -3.13 14.72
CA GLN A 9 8.47 -2.89 16.04
C GLN A 9 7.77 -4.16 16.52
N ALA A 10 8.03 -4.52 17.78
CA ALA A 10 7.47 -5.73 18.37
C ALA A 10 6.00 -5.93 17.99
N GLU A 11 5.17 -4.92 18.25
CA GLU A 11 3.75 -4.99 17.95
C GLU A 11 3.46 -5.23 16.47
N ILE A 12 4.01 -4.36 15.63
CA ILE A 12 3.77 -4.43 14.19
C ILE A 12 4.01 -5.83 13.64
N THR A 13 5.11 -6.45 14.05
CA THR A 13 5.42 -7.81 13.64
C THR A 13 4.29 -8.76 14.07
N GLN A 14 3.76 -8.54 15.28
CA GLN A 14 2.68 -9.35 15.81
C GLN A 14 1.46 -9.26 14.89
N LEU A 15 1.05 -8.03 14.63
CA LEU A 15 -0.09 -7.76 13.77
C LEU A 15 0.06 -8.46 12.42
N MET A 16 1.24 -8.31 11.81
CA MET A 16 1.50 -8.92 10.53
C MET A 16 1.30 -10.44 10.57
N SER A 17 2.02 -11.09 11.48
CA SER A 17 1.92 -12.54 11.64
C SER A 17 0.48 -12.97 11.87
N LEU A 18 -0.22 -12.23 12.73
CA LEU A 18 -1.62 -12.47 13.00
C LEU A 18 -2.40 -12.50 11.67
N ILE A 19 -2.14 -11.51 10.82
CA ILE A 19 -2.88 -11.35 9.58
C ILE A 19 -2.46 -12.35 8.51
N ILE A 20 -1.18 -12.38 8.18
CA ILE A 20 -0.67 -13.23 7.12
C ILE A 20 -1.06 -14.69 7.35
N ASN A 21 -1.41 -15.01 8.59
CA ASN A 21 -1.76 -16.37 8.96
C ASN A 21 -3.26 -16.59 9.18
N THR A 22 -4.00 -15.51 9.38
CA THR A 22 -5.44 -15.59 9.63
C THR A 22 -6.15 -16.44 8.57
N VAL A 23 -7.23 -17.09 8.99
CA VAL A 23 -8.05 -17.89 8.08
C VAL A 23 -9.25 -17.09 7.61
N TYR A 24 -9.17 -15.77 7.81
CA TYR A 24 -10.25 -14.86 7.44
C TYR A 24 -10.69 -15.07 5.99
N SER A 25 -11.91 -14.65 5.67
CA SER A 25 -12.48 -14.94 4.36
C SER A 25 -12.70 -13.71 3.50
N ASN A 26 -13.18 -12.64 4.11
CA ASN A 26 -13.44 -11.38 3.41
C ASN A 26 -12.13 -10.63 3.14
N LYS A 27 -11.20 -11.30 2.46
CA LYS A 27 -9.86 -10.76 2.25
C LYS A 27 -9.82 -9.59 1.27
N GLU A 28 -10.89 -9.44 0.51
CA GLU A 28 -11.00 -8.39 -0.49
C GLU A 28 -11.00 -7.01 0.16
N ILE A 29 -10.97 -6.97 1.48
CA ILE A 29 -11.01 -5.69 2.21
C ILE A 29 -9.71 -4.91 2.06
N PHE A 30 -8.62 -5.60 1.81
CA PHE A 30 -7.31 -4.96 1.67
C PHE A 30 -7.39 -3.83 0.66
N LEU A 31 -8.18 -4.05 -0.38
CA LEU A 31 -8.27 -3.10 -1.48
C LEU A 31 -8.82 -1.76 -1.03
N ARG A 32 -9.86 -1.78 -0.21
CA ARG A 32 -10.45 -0.53 0.27
C ARG A 32 -9.51 0.14 1.25
N GLU A 33 -8.76 -0.66 1.99
CA GLU A 33 -7.76 -0.14 2.93
C GLU A 33 -6.65 0.58 2.18
N LEU A 34 -6.07 -0.09 1.19
CA LEU A 34 -4.97 0.49 0.43
C LEU A 34 -5.43 1.73 -0.34
N ILE A 35 -6.57 1.62 -1.02
CA ILE A 35 -7.16 2.76 -1.70
C ILE A 35 -7.42 3.90 -0.71
N SER A 36 -7.72 3.52 0.53
CA SER A 36 -7.97 4.51 1.58
C SER A 36 -6.70 5.31 1.88
N ASN A 37 -5.59 4.62 2.14
CA ASN A 37 -4.32 5.29 2.40
C ASN A 37 -3.86 6.09 1.18
N ALA A 38 -4.08 5.51 0.00
CA ALA A 38 -3.75 6.17 -1.25
C ALA A 38 -4.47 7.50 -1.33
N SER A 39 -5.79 7.46 -1.12
CA SER A 39 -6.60 8.67 -1.13
C SER A 39 -6.17 9.67 -0.07
N ASP A 40 -5.77 9.18 1.11
CA ASP A 40 -5.29 10.05 2.16
C ASP A 40 -3.98 10.70 1.75
N ALA A 41 -3.06 9.89 1.23
CA ALA A 41 -1.77 10.37 0.78
C ALA A 41 -1.92 11.39 -0.33
N LEU A 42 -3.03 11.29 -1.07
CA LEU A 42 -3.34 12.24 -2.13
C LEU A 42 -3.94 13.54 -1.57
N ASP A 43 -4.65 13.43 -0.47
CA ASP A 43 -5.18 14.61 0.22
C ASP A 43 -4.05 15.50 0.68
N LYS A 44 -3.09 14.87 1.37
CA LYS A 44 -1.97 15.59 1.99
C LYS A 44 -1.16 16.40 0.99
N ILE A 45 -1.00 15.88 -0.21
CA ILE A 45 -0.26 16.60 -1.25
C ILE A 45 -1.09 17.76 -1.80
N ARG A 46 -2.38 17.54 -1.98
CA ARG A 46 -3.28 18.60 -2.47
C ARG A 46 -3.43 19.70 -1.43
N TYR A 47 -3.36 19.33 -0.16
CA TYR A 47 -3.43 20.31 0.91
C TYR A 47 -2.17 21.15 0.92
N LYS A 48 -1.02 20.47 1.00
CA LYS A 48 0.27 21.13 1.01
C LYS A 48 0.42 22.05 -0.21
N SER A 49 -0.09 21.59 -1.35
CA SER A 49 0.06 22.34 -2.59
C SER A 49 -0.73 23.65 -2.57
N LEU A 50 -1.60 23.79 -1.58
CA LEU A 50 -2.39 25.01 -1.40
C LEU A 50 -1.50 26.23 -1.16
N SER A 51 -0.47 26.04 -0.34
CA SER A 51 0.46 27.12 -0.04
C SER A 51 1.74 26.99 -0.86
N ASP A 52 1.96 25.79 -1.38
CA ASP A 52 3.16 25.52 -2.17
C ASP A 52 2.78 24.84 -3.48
N PRO A 53 2.26 25.62 -4.44
CA PRO A 53 1.76 25.09 -5.72
C PRO A 53 2.82 24.36 -6.52
N LYS A 54 4.08 24.74 -6.33
CA LYS A 54 5.18 24.17 -7.10
C LYS A 54 5.40 22.69 -6.73
N GLN A 55 4.74 22.27 -5.66
CA GLN A 55 4.84 20.89 -5.18
C GLN A 55 4.10 19.92 -6.09
N LEU A 56 3.20 20.43 -6.91
CA LEU A 56 2.39 19.61 -7.78
C LEU A 56 3.01 19.42 -9.16
N GLU A 57 4.17 20.03 -9.37
CA GLU A 57 4.78 20.03 -10.70
C GLU A 57 5.50 18.72 -11.02
N THR A 58 5.96 18.04 -9.98
CA THR A 58 6.62 16.74 -10.14
C THR A 58 5.67 15.68 -10.71
N GLU A 59 4.38 15.98 -10.66
CA GLU A 59 3.33 15.07 -11.12
C GLU A 59 1.98 15.74 -10.98
N PRO A 60 1.62 16.59 -11.95
CA PRO A 60 0.42 17.42 -11.90
C PRO A 60 -0.89 16.65 -11.92
N ASP A 61 -0.84 15.33 -11.96
CA ASP A 61 -2.06 14.52 -11.99
C ASP A 61 -2.27 13.74 -10.70
N LEU A 62 -3.41 13.97 -10.06
CA LEU A 62 -3.78 13.26 -8.85
C LEU A 62 -4.70 12.11 -9.23
N PHE A 63 -4.25 10.89 -8.94
CA PHE A 63 -4.98 9.71 -9.35
C PHE A 63 -4.57 8.50 -8.52
N ILE A 64 -5.42 7.48 -8.54
CA ILE A 64 -5.13 6.19 -7.95
C ILE A 64 -5.17 5.19 -9.09
N ARG A 65 -4.17 4.31 -9.15
CA ARG A 65 -4.05 3.40 -10.29
C ARG A 65 -3.72 1.98 -9.87
N ILE A 66 -4.54 1.02 -10.30
CA ILE A 66 -4.30 -0.39 -10.03
C ILE A 66 -3.79 -1.07 -11.30
N THR A 67 -2.62 -1.72 -11.21
CA THR A 67 -2.04 -2.40 -12.36
C THR A 67 -1.73 -3.86 -12.06
N PRO A 68 -2.49 -4.77 -12.65
CA PRO A 68 -2.24 -6.20 -12.52
C PRO A 68 -1.08 -6.66 -13.39
N LYS A 69 -0.21 -7.49 -12.84
CA LYS A 69 0.88 -8.08 -13.62
C LYS A 69 0.88 -9.60 -13.43
N PRO A 70 0.07 -10.30 -14.25
CA PRO A 70 -0.16 -11.74 -14.18
C PRO A 70 1.10 -12.59 -14.24
N GLU A 71 2.06 -12.23 -15.10
CA GLU A 71 3.31 -12.99 -15.20
C GLU A 71 4.01 -13.09 -13.85
N GLN A 72 4.17 -11.94 -13.20
CA GLN A 72 4.89 -11.88 -11.93
C GLN A 72 3.99 -12.13 -10.74
N LYS A 73 2.72 -12.42 -10.98
CA LYS A 73 1.75 -12.56 -9.90
C LYS A 73 1.83 -11.36 -8.97
N VAL A 74 1.78 -10.16 -9.53
CA VAL A 74 1.92 -8.94 -8.75
C VAL A 74 0.74 -8.02 -9.01
N LEU A 75 0.33 -7.29 -7.96
CA LEU A 75 -0.71 -6.29 -8.08
C LEU A 75 -0.21 -4.99 -7.50
N GLU A 76 -0.14 -3.95 -8.33
CA GLU A 76 0.34 -2.67 -7.88
C GLU A 76 -0.79 -1.68 -7.67
N ILE A 77 -0.72 -0.97 -6.55
CA ILE A 77 -1.67 0.07 -6.23
C ILE A 77 -0.87 1.34 -6.12
N ARG A 78 -0.96 2.18 -7.15
CA ARG A 78 -0.17 3.39 -7.21
C ARG A 78 -1.02 4.62 -6.93
N ASP A 79 -0.41 5.61 -6.30
CA ASP A 79 -1.05 6.89 -6.10
C ASP A 79 -0.02 7.99 -6.30
N SER A 80 -0.42 9.08 -6.93
CA SER A 80 0.46 10.22 -7.14
C SER A 80 0.41 11.16 -5.93
N GLY A 81 0.35 10.57 -4.74
CA GLY A 81 0.28 11.33 -3.50
C GLY A 81 1.59 11.97 -3.10
N ILE A 82 1.72 12.30 -1.82
CA ILE A 82 2.83 13.08 -1.31
C ILE A 82 4.14 12.30 -1.23
N GLY A 83 4.04 10.97 -1.21
CA GLY A 83 5.23 10.15 -1.16
C GLY A 83 5.88 10.15 0.21
N MET A 84 6.93 9.34 0.36
CA MET A 84 7.63 9.21 1.63
C MET A 84 9.14 9.20 1.38
N THR A 85 9.87 9.84 2.28
CA THR A 85 11.33 9.84 2.20
C THR A 85 11.87 8.53 2.76
N LYS A 86 13.18 8.37 2.72
CA LYS A 86 13.83 7.21 3.30
C LYS A 86 13.42 7.05 4.76
N ALA A 87 13.48 8.15 5.51
CA ALA A 87 13.14 8.16 6.93
C ALA A 87 11.66 7.90 7.16
N GLU A 88 10.80 8.56 6.36
CA GLU A 88 9.36 8.40 6.51
C GLU A 88 8.92 6.97 6.22
N LEU A 89 9.52 6.36 5.20
CA LEU A 89 9.30 4.95 4.91
C LEU A 89 9.63 4.13 6.14
N ILE A 90 10.72 4.49 6.80
CA ILE A 90 11.22 3.75 7.96
C ILE A 90 10.35 3.93 9.20
N ASN A 91 9.83 5.13 9.40
CA ASN A 91 8.92 5.37 10.53
C ASN A 91 7.53 4.85 10.28
N ASN A 92 6.88 5.36 9.24
CA ASN A 92 5.49 5.01 8.95
C ASN A 92 5.20 3.52 8.92
N LEU A 93 6.01 2.78 8.16
CA LEU A 93 5.74 1.37 7.94
C LEU A 93 6.46 0.47 8.94
N GLY A 94 7.18 1.07 9.88
CA GLY A 94 7.96 0.29 10.81
C GLY A 94 8.14 0.92 12.18
N THR A 95 7.16 1.70 12.62
CA THR A 95 7.22 2.33 13.94
C THR A 95 5.83 2.67 14.44
N ILE A 96 5.23 3.69 13.84
CA ILE A 96 3.96 4.23 14.34
C ILE A 96 2.72 3.35 14.16
N GLY A 100 -0.03 2.59 18.33
CA GLY A 100 -1.38 2.06 18.34
C GLY A 100 -1.81 0.90 17.46
N THR A 101 -0.91 0.00 17.10
CA THR A 101 -1.34 -1.22 16.41
C THR A 101 -1.68 -2.27 17.45
N LYS A 102 -1.36 -1.94 18.71
CA LYS A 102 -1.60 -2.82 19.83
C LYS A 102 -3.09 -2.87 20.17
N ALA A 103 -3.75 -1.72 20.07
CA ALA A 103 -5.17 -1.62 20.37
C ALA A 103 -5.99 -2.52 19.46
N PHE A 104 -5.70 -2.48 18.16
CA PHE A 104 -6.43 -3.26 17.18
C PHE A 104 -6.36 -4.77 17.46
N MET A 105 -5.15 -5.25 17.74
CA MET A 105 -4.98 -6.67 18.05
C MET A 105 -5.82 -7.07 19.26
N GLU A 106 -5.92 -6.16 20.23
CA GLU A 106 -6.77 -6.38 21.40
C GLU A 106 -8.22 -6.50 20.97
N ALA A 107 -8.67 -5.60 20.10
CA ALA A 107 -10.02 -5.63 19.58
C ALA A 107 -10.33 -6.97 18.90
N LEU A 108 -9.37 -7.46 18.10
CA LEU A 108 -9.51 -8.75 17.44
C LEU A 108 -9.70 -9.87 18.45
N SER A 109 -8.88 -9.88 19.49
CA SER A 109 -8.98 -10.91 20.51
C SER A 109 -10.32 -10.88 21.24
N ALA A 110 -11.09 -9.82 21.01
CA ALA A 110 -12.41 -9.69 21.62
C ALA A 110 -13.50 -10.12 20.65
N GLY A 111 -13.16 -10.18 19.37
CA GLY A 111 -14.10 -10.61 18.35
C GLY A 111 -14.32 -9.56 17.28
N ALA A 112 -13.39 -8.61 17.16
CA ALA A 112 -13.53 -7.51 16.22
C ALA A 112 -13.42 -7.98 14.79
N ASP A 113 -13.85 -7.12 13.89
CA ASP A 113 -13.88 -7.39 12.46
C ASP A 113 -12.56 -6.93 11.86
N VAL A 114 -11.87 -7.83 11.17
CA VAL A 114 -10.62 -7.50 10.53
C VAL A 114 -10.77 -6.24 9.67
N SER A 115 -11.95 -6.05 9.12
CA SER A 115 -12.25 -4.91 8.25
C SER A 115 -12.27 -3.60 9.03
N MET A 116 -12.15 -3.69 10.34
CA MET A 116 -12.16 -2.51 11.19
C MET A 116 -10.74 -1.99 11.40
N ILE A 117 -9.77 -2.78 10.95
CA ILE A 117 -8.36 -2.44 11.02
C ILE A 117 -8.09 -0.98 10.60
N GLY A 118 -8.86 -0.52 9.62
CA GLY A 118 -8.72 0.83 9.13
C GLY A 118 -9.04 1.86 10.18
N GLN A 119 -10.00 1.53 11.04
CA GLN A 119 -10.39 2.43 12.11
C GLN A 119 -9.37 2.46 13.23
N PHE A 120 -8.35 1.61 13.12
CA PHE A 120 -7.23 1.63 14.06
C PHE A 120 -6.00 2.23 13.38
N GLY A 121 -6.18 2.69 12.15
CA GLY A 121 -5.12 3.32 11.39
C GLY A 121 -3.94 2.40 11.10
N VAL A 122 -4.23 1.16 10.73
CA VAL A 122 -3.20 0.18 10.44
C VAL A 122 -3.59 -0.70 9.27
N GLY A 123 -4.56 -0.24 8.48
CA GLY A 123 -5.06 -0.96 7.34
C GLY A 123 -4.01 -1.35 6.30
N PHE A 124 -2.90 -0.64 6.29
CA PHE A 124 -1.80 -0.96 5.37
C PHE A 124 -1.44 -2.43 5.49
N TYR A 125 -1.42 -2.94 6.72
CA TYR A 125 -0.96 -4.30 6.98
C TYR A 125 -2.00 -5.35 6.60
N SER A 126 -3.18 -4.90 6.17
CA SER A 126 -4.21 -5.80 5.68
C SER A 126 -3.80 -6.42 4.34
N LEU A 127 -2.81 -5.83 3.70
CA LEU A 127 -2.32 -6.32 2.42
C LEU A 127 -1.82 -7.75 2.55
N PHE A 128 -1.43 -8.12 3.77
CA PHE A 128 -0.89 -9.45 4.01
C PHE A 128 -1.96 -10.54 4.00
N LEU A 129 -3.20 -10.10 3.77
CA LEU A 129 -4.32 -11.02 3.58
C LEU A 129 -4.21 -11.73 2.23
N VAL A 130 -3.70 -11.02 1.23
CA VAL A 130 -3.64 -11.53 -0.13
C VAL A 130 -2.20 -11.66 -0.64
N ALA A 131 -1.29 -10.95 0.01
CA ALA A 131 0.13 -11.01 -0.38
C ALA A 131 0.97 -11.54 0.76
N ASP A 132 2.04 -12.25 0.41
CA ASP A 132 2.99 -12.77 1.39
C ASP A 132 4.31 -11.97 1.33
N ARG A 133 4.38 -11.06 0.35
CA ARG A 133 5.53 -10.17 0.22
C ARG A 133 5.07 -8.86 -0.40
N VAL A 134 5.58 -7.75 0.14
CA VAL A 134 5.23 -6.43 -0.38
C VAL A 134 6.47 -5.58 -0.64
N GLN A 135 6.39 -4.76 -1.68
CA GLN A 135 7.46 -3.84 -2.02
C GLN A 135 6.83 -2.47 -2.14
N VAL A 136 7.08 -1.60 -1.17
CA VAL A 136 6.58 -0.24 -1.22
C VAL A 136 7.63 0.66 -1.85
N ILE A 137 7.34 1.16 -3.04
CA ILE A 137 8.23 2.05 -3.76
C ILE A 137 7.67 3.46 -3.65
N SER A 138 8.45 4.38 -3.10
CA SER A 138 7.94 5.73 -2.86
C SER A 138 8.89 6.81 -3.34
N LYS A 139 8.32 7.95 -3.72
CA LYS A 139 9.11 9.11 -4.15
C LYS A 139 8.53 10.41 -3.60
N SER A 140 9.28 11.04 -2.70
CA SER A 140 8.89 12.32 -2.15
C SER A 140 9.67 13.43 -2.84
N ASN A 141 9.04 14.59 -3.00
CA ASN A 141 9.70 15.76 -3.57
C ASN A 141 10.98 16.07 -2.80
N ASP A 142 11.02 15.63 -1.53
CA ASP A 142 12.12 15.98 -0.65
C ASP A 142 13.20 14.90 -0.58
N ASP A 143 13.15 13.92 -1.48
CA ASP A 143 14.13 12.83 -1.47
C ASP A 143 14.18 12.05 -2.77
N GLU A 144 15.13 11.12 -2.84
CA GLU A 144 15.26 10.20 -3.97
C GLU A 144 14.20 9.11 -3.89
N GLN A 145 14.02 8.37 -4.97
CA GLN A 145 13.09 7.25 -4.98
C GLN A 145 13.69 6.09 -4.21
N TYR A 146 12.91 5.52 -3.29
CA TYR A 146 13.39 4.41 -2.46
C TYR A 146 12.46 3.20 -2.53
N ILE A 147 12.98 2.06 -2.07
CA ILE A 147 12.24 0.81 -2.08
C ILE A 147 12.23 0.17 -0.70
N TRP A 148 11.07 0.19 -0.06
CA TRP A 148 10.85 -0.50 1.20
C TRP A 148 10.39 -1.91 0.86
N GLU A 149 10.82 -2.90 1.61
CA GLU A 149 10.42 -4.26 1.32
C GLU A 149 10.28 -5.15 2.55
N SER A 150 9.16 -5.83 2.64
CA SER A 150 8.88 -6.72 3.77
C SER A 150 8.26 -8.03 3.29
N ASN A 151 8.44 -9.08 4.07
CA ASN A 151 7.86 -10.38 3.76
C ASN A 151 7.08 -10.91 4.94
N ALA A 152 6.50 -9.99 5.71
CA ALA A 152 5.78 -10.34 6.93
C ALA A 152 6.74 -10.78 8.03
N GLY A 153 8.03 -10.85 7.69
CA GLY A 153 9.05 -11.19 8.66
C GLY A 153 9.24 -10.09 9.69
N GLY A 154 10.21 -10.28 10.57
CA GLY A 154 10.47 -9.32 11.63
C GLY A 154 11.34 -8.17 11.17
N SER A 155 12.04 -8.35 10.06
CA SER A 155 12.92 -7.29 9.56
C SER A 155 12.56 -6.90 8.12
N PHE A 156 12.72 -5.62 7.81
CA PHE A 156 12.49 -5.11 6.47
C PHE A 156 13.75 -4.42 5.93
N THR A 157 13.80 -4.18 4.62
CA THR A 157 14.95 -3.51 4.02
C THR A 157 14.57 -2.20 3.36
N VAL A 158 15.55 -1.33 3.22
CA VAL A 158 15.38 -0.06 2.53
C VAL A 158 16.56 0.18 1.57
N THR A 159 16.26 0.27 0.28
CA THR A 159 17.28 0.39 -0.76
C THR A 159 16.94 1.48 -1.77
N LEU A 160 17.90 2.34 -2.07
CA LEU A 160 17.71 3.36 -3.09
C LEU A 160 17.22 2.75 -4.40
N ASP A 161 16.14 3.31 -4.95
CA ASP A 161 15.55 2.73 -6.15
C ASP A 161 16.39 2.99 -7.40
N GLU A 162 16.82 1.91 -8.02
CA GLU A 162 17.60 1.98 -9.25
C GLU A 162 17.23 0.83 -10.16
N VAL A 163 15.99 0.34 -10.03
CA VAL A 163 15.54 -0.81 -10.81
C VAL A 163 14.10 -0.64 -11.26
N ASN A 164 13.41 0.34 -10.69
CA ASN A 164 12.00 0.57 -10.99
C ASN A 164 11.80 1.79 -11.86
N GLU A 165 10.63 1.88 -12.49
CA GLU A 165 10.27 3.06 -13.27
C GLU A 165 10.36 4.28 -12.39
N ARG A 166 10.62 5.42 -13.00
CA ARG A 166 10.60 6.68 -12.26
C ARG A 166 9.16 7.15 -12.16
N ILE A 167 8.62 7.12 -10.94
CA ILE A 167 7.32 7.73 -10.71
C ILE A 167 7.55 9.22 -10.46
N GLY A 168 6.63 10.05 -10.92
CA GLY A 168 6.79 11.48 -10.76
C GLY A 168 6.91 11.82 -9.29
N ARG A 169 5.85 11.52 -8.56
CA ARG A 169 5.78 11.74 -7.14
C ARG A 169 4.67 10.85 -6.62
N GLY A 170 4.92 10.14 -5.52
CA GLY A 170 3.89 9.26 -4.97
C GLY A 170 4.42 7.96 -4.41
N THR A 171 3.59 6.93 -4.47
CA THR A 171 3.91 5.64 -3.86
C THR A 171 3.27 4.50 -4.66
N ILE A 172 4.01 3.40 -4.80
CA ILE A 172 3.47 2.18 -5.36
C ILE A 172 3.57 1.04 -4.36
N LEU A 173 2.46 0.36 -4.10
CA LEU A 173 2.49 -0.85 -3.32
C LEU A 173 2.51 -2.05 -4.26
N ARG A 174 3.68 -2.65 -4.43
CA ARG A 174 3.82 -3.81 -5.29
C ARG A 174 3.54 -5.05 -4.47
N LEU A 175 2.30 -5.52 -4.52
CA LEU A 175 1.91 -6.71 -3.79
C LEU A 175 2.25 -7.96 -4.59
N PHE A 176 2.94 -8.90 -3.95
CA PHE A 176 3.21 -10.19 -4.54
C PHE A 176 2.15 -11.16 -4.01
N LEU A 177 1.07 -11.29 -4.77
CA LEU A 177 -0.09 -12.09 -4.35
C LEU A 177 0.26 -13.52 -4.01
N LYS A 178 -0.49 -14.11 -3.06
CA LYS A 178 -0.30 -15.52 -2.74
C LYS A 178 -0.95 -16.36 -3.83
N ASP A 179 -0.44 -17.59 -3.99
CA ASP A 179 -0.91 -18.47 -5.06
C ASP A 179 -2.41 -18.69 -5.04
N ASP A 180 -2.98 -18.68 -3.85
CA ASP A 180 -4.41 -18.91 -3.67
C ASP A 180 -5.24 -17.64 -3.79
N GLN A 181 -4.58 -16.52 -4.05
CA GLN A 181 -5.28 -15.23 -4.14
C GLN A 181 -5.04 -14.56 -5.48
N LEU A 182 -4.81 -15.35 -6.51
CA LEU A 182 -4.49 -14.82 -7.82
C LEU A 182 -5.72 -14.26 -8.53
N GLU A 183 -6.89 -14.38 -7.90
CA GLU A 183 -8.13 -13.87 -8.48
C GLU A 183 -8.07 -12.35 -8.61
N TYR A 184 -7.26 -11.72 -7.77
CA TYR A 184 -7.17 -10.26 -7.73
C TYR A 184 -6.27 -9.70 -8.83
N LEU A 185 -6.00 -10.52 -9.83
CA LEU A 185 -5.28 -10.08 -11.03
C LEU A 185 -6.28 -9.83 -12.15
N GLU A 186 -7.50 -10.32 -11.98
CA GLU A 186 -8.52 -10.26 -13.01
C GLU A 186 -9.33 -8.96 -13.00
N GLU A 187 -9.53 -8.40 -14.19
CA GLU A 187 -10.23 -7.14 -14.34
C GLU A 187 -11.63 -7.19 -13.73
N LYS A 188 -12.35 -8.28 -13.99
CA LYS A 188 -13.71 -8.46 -13.51
C LYS A 188 -13.74 -8.45 -11.98
N ARG A 189 -12.89 -9.29 -11.37
CA ARG A 189 -12.80 -9.39 -9.93
C ARG A 189 -12.39 -8.08 -9.28
N ILE A 190 -11.38 -7.42 -9.85
CA ILE A 190 -10.92 -6.14 -9.32
C ILE A 190 -12.00 -5.07 -9.46
N LYS A 191 -12.56 -4.97 -10.66
CA LYS A 191 -13.59 -3.97 -10.96
C LYS A 191 -14.75 -4.12 -9.97
N GLU A 192 -15.12 -5.37 -9.71
CA GLU A 192 -16.22 -5.69 -8.81
C GLU A 192 -15.98 -5.18 -7.39
N VAL A 193 -14.84 -5.53 -6.82
CA VAL A 193 -14.49 -5.14 -5.46
C VAL A 193 -14.42 -3.63 -5.29
N ILE A 194 -13.77 -2.94 -6.23
CA ILE A 194 -13.61 -1.49 -6.15
C ILE A 194 -14.94 -0.77 -6.19
N LYS A 195 -15.88 -1.32 -6.95
CA LYS A 195 -17.20 -0.71 -7.12
C LYS A 195 -18.05 -0.89 -5.87
N ARG A 196 -17.53 -1.61 -4.88
CA ARG A 196 -18.25 -1.84 -3.64
C ARG A 196 -17.90 -0.83 -2.55
N HIS A 197 -16.80 -1.07 -1.84
CA HIS A 197 -16.45 -0.29 -0.66
C HIS A 197 -15.79 1.04 -0.99
N SER A 198 -15.61 1.33 -2.28
CA SER A 198 -14.97 2.57 -2.69
C SER A 198 -15.89 3.39 -3.60
N GLU A 199 -16.80 4.13 -2.98
CA GLU A 199 -17.79 4.91 -3.71
C GLU A 199 -17.55 6.41 -3.57
N PHE A 200 -17.07 6.81 -2.39
CA PHE A 200 -16.87 8.23 -2.11
C PHE A 200 -15.40 8.59 -2.09
N VAL A 201 -14.75 8.44 -3.22
CA VAL A 201 -13.37 8.85 -3.37
C VAL A 201 -13.31 10.09 -4.25
N ALA A 202 -12.54 11.09 -3.83
CA ALA A 202 -12.44 12.34 -4.56
C ALA A 202 -11.59 12.22 -5.82
N TYR A 203 -10.59 11.34 -5.77
CA TYR A 203 -9.64 11.18 -6.88
C TYR A 203 -10.04 10.02 -7.77
N PRO A 204 -9.64 10.08 -9.04
CA PRO A 204 -10.00 9.04 -10.02
C PRO A 204 -9.25 7.74 -9.75
N ILE A 205 -9.91 6.62 -10.01
CA ILE A 205 -9.30 5.31 -9.85
C ILE A 205 -9.14 4.63 -11.21
N GLN A 206 -7.91 4.59 -11.70
CA GLN A 206 -7.63 4.02 -13.02
C GLN A 206 -7.20 2.57 -12.91
N LEU A 207 -7.81 1.72 -13.73
CA LEU A 207 -7.43 0.31 -13.79
C LEU A 207 -6.71 0.03 -15.10
N VAL A 208 -5.51 -0.55 -15.01
CA VAL A 208 -4.67 -0.78 -16.18
C VAL A 208 -4.81 -2.20 -16.69
N VAL A 209 -5.46 -2.35 -17.84
CA VAL A 209 -5.73 -3.66 -18.41
C VAL A 209 -4.91 -3.93 -19.66
N THR A 210 -4.51 -5.19 -19.84
CA THR A 210 -3.80 -5.60 -21.03
C THR A 210 -4.73 -6.38 -21.95
N LYS A 211 -5.16 -5.73 -23.02
CA LYS A 211 -6.08 -6.34 -23.98
C LYS A 211 -5.33 -6.82 -25.22
N GLU A 212 -5.43 -8.10 -25.52
CA GLU A 212 -4.79 -8.64 -26.70
C GLU A 212 -5.56 -8.28 -27.97
N VAL A 213 -4.88 -7.63 -28.91
CA VAL A 213 -5.49 -7.26 -30.18
C VAL A 213 -5.57 -8.47 -31.09
N GLU A 214 -6.44 -8.57 -31.96
#